data_1ZY0
#
_entry.id   1ZY0
#
_cell.length_a   51.5
_cell.length_b   76.8
_cell.length_c   109.3
_cell.angle_alpha   90
_cell.angle_beta   90
_cell.angle_gamma   90
#
_symmetry.space_group_name_H-M   'P 21 21 21'
#
loop_
_entity.id
_entity.type
_entity.pdbx_description
1 polymer 'Peptide deformylase, mitochondrial'
2 non-polymer 'ZINC ION'
3 water water
#
_entity_poly.entity_id   1
_entity_poly.type   'polypeptide(L)'
_entity_poly.pdbx_seq_one_letter_code
;MDLPEIVASGDPVLHEKAREVDPGEIGSERIQKIIDDMIKVMRLAPGVGLAAPQIGVPLRIIVLEDTKEYISYAPKEEIL
AQERRHFDLMVMVNPVLKERSNKKALFFEGCLSVDGFRAAVERYLEVVVTGYDRQGKRIEVNASGWQARILQHECDHLDG
NLYVDKMVPRTFRTVDNLDLPLAEGCPKLGSHHHHHH
;
_entity_poly.pdbx_strand_id   A,B
#
loop_
_chem_comp.id
_chem_comp.type
_chem_comp.name
_chem_comp.formula
ZN non-polymer 'ZINC ION' 'Zn 2'
#
# COMPACT_ATOMS: atom_id res chain seq x y z
N ASP A 2 8.94 18.63 24.39
CA ASP A 2 8.87 18.77 22.89
C ASP A 2 8.38 17.42 22.48
N LEU A 3 7.66 17.33 21.39
CA LEU A 3 7.10 16.03 21.05
C LEU A 3 7.61 15.28 19.82
N PRO A 4 7.66 13.95 19.92
CA PRO A 4 8.14 13.12 18.82
C PRO A 4 7.05 12.96 17.78
N GLU A 5 7.49 12.88 16.53
CA GLU A 5 6.57 12.71 15.42
C GLU A 5 6.37 11.26 15.09
N ILE A 6 5.33 11.01 14.31
CA ILE A 6 5.01 9.67 13.89
C ILE A 6 5.85 9.35 12.67
N VAL A 7 6.54 8.22 12.68
CA VAL A 7 7.36 7.83 11.53
C VAL A 7 6.51 7.15 10.49
N ALA A 8 6.87 7.33 9.22
CA ALA A 8 6.12 6.75 8.12
C ALA A 8 6.85 5.57 7.50
N SER A 9 6.13 4.78 6.73
CA SER A 9 6.72 3.62 6.10
C SER A 9 8.07 3.96 5.50
N GLY A 10 8.92 2.95 5.39
CA GLY A 10 10.24 3.18 4.86
C GLY A 10 11.20 3.18 6.02
N ASP A 11 10.83 3.90 7.07
CA ASP A 11 11.69 3.97 8.25
C ASP A 11 11.82 2.59 8.87
N PRO A 12 13.02 2.00 8.82
CA PRO A 12 13.32 0.67 9.36
C PRO A 12 12.68 0.32 10.69
N VAL A 13 12.58 1.29 11.58
CA VAL A 13 12.00 1.02 12.89
C VAL A 13 10.63 0.39 12.76
N LEU A 14 9.85 0.85 11.78
CA LEU A 14 8.51 0.35 11.55
C LEU A 14 8.46 -1.08 11.01
N HIS A 15 9.51 -1.49 10.32
CA HIS A 15 9.52 -2.82 9.74
C HIS A 15 10.56 -3.76 10.34
N GLU A 16 10.73 -3.68 11.65
CA GLU A 16 11.66 -4.52 12.39
C GLU A 16 11.07 -4.92 13.73
N LYS A 17 11.39 -6.11 14.22
CA LYS A 17 10.85 -6.58 15.48
C LYS A 17 11.36 -5.69 16.61
N ALA A 18 10.48 -5.30 17.50
CA ALA A 18 10.85 -4.44 18.61
C ALA A 18 11.21 -5.29 19.82
N ARG A 19 12.12 -4.80 20.63
CA ARG A 19 12.58 -5.51 21.81
C ARG A 19 11.66 -5.40 23.01
N GLU A 20 11.58 -6.49 23.77
CA GLU A 20 10.74 -6.52 24.95
C GLU A 20 11.30 -5.56 25.97
N VAL A 21 10.41 -4.78 26.58
CA VAL A 21 10.81 -3.83 27.58
C VAL A 21 10.94 -4.62 28.86
N ASP A 22 12.05 -4.44 29.57
CA ASP A 22 12.28 -5.18 30.79
C ASP A 22 11.28 -4.89 31.91
N PRO A 23 10.51 -5.89 32.33
CA PRO A 23 9.54 -5.65 33.40
C PRO A 23 10.32 -5.13 34.58
N GLY A 24 9.86 -4.02 35.15
CA GLY A 24 10.59 -3.48 36.28
C GLY A 24 11.08 -2.14 35.85
N GLU A 25 11.45 -2.07 34.57
CA GLU A 25 11.89 -0.81 34.00
C GLU A 25 10.59 -0.21 33.54
N ILE A 26 9.55 -1.04 33.54
CA ILE A 26 8.24 -0.58 33.12
C ILE A 26 7.88 0.63 33.96
N GLY A 27 8.20 0.54 35.24
CA GLY A 27 7.91 1.64 36.13
C GLY A 27 8.88 2.78 35.95
N SER A 28 9.98 2.50 35.29
CA SER A 28 10.99 3.52 35.04
C SER A 28 10.39 4.81 34.50
N GLU A 29 10.92 5.95 34.93
CA GLU A 29 10.45 7.24 34.47
C GLU A 29 10.69 7.33 32.97
N ARG A 30 11.90 7.02 32.54
CA ARG A 30 12.27 7.02 31.13
C ARG A 30 11.15 6.41 30.30
N ILE A 31 10.77 5.20 30.68
CA ILE A 31 9.72 4.48 29.99
C ILE A 31 8.35 5.11 30.21
N GLN A 32 8.05 5.49 31.44
CA GLN A 32 6.76 6.08 31.71
C GLN A 32 6.58 7.30 30.84
N LYS A 33 7.69 7.94 30.52
CA LYS A 33 7.64 9.13 29.69
C LYS A 33 7.11 8.68 28.34
N ILE A 34 7.88 7.78 27.72
CA ILE A 34 7.53 7.22 26.42
C ILE A 34 6.04 6.89 26.38
N ILE A 35 5.56 6.18 27.41
CA ILE A 35 4.15 5.81 27.45
C ILE A 35 3.26 7.03 27.38
N ASP A 36 3.62 8.09 28.12
CA ASP A 36 2.83 9.33 28.09
C ASP A 36 2.87 9.92 26.69
N ASP A 37 4.08 10.04 26.13
CA ASP A 37 4.25 10.56 24.77
C ASP A 37 3.28 9.83 23.85
N MET A 38 3.41 8.50 23.81
CA MET A 38 2.54 7.71 22.97
C MET A 38 1.09 8.07 23.14
N ILE A 39 0.59 7.97 24.37
CA ILE A 39 -0.80 8.30 24.66
C ILE A 39 -1.19 9.64 24.06
N LYS A 40 -0.34 10.64 24.30
CA LYS A 40 -0.57 11.98 23.78
C LYS A 40 -0.69 11.95 22.25
N VAL A 41 0.40 11.61 21.57
CA VAL A 41 0.39 11.55 20.10
C VAL A 41 -0.86 10.86 19.58
N MET A 42 -1.14 9.68 20.12
CA MET A 42 -2.31 8.92 19.69
C MET A 42 -3.57 9.75 19.72
N ARG A 43 -3.65 10.64 20.69
CA ARG A 43 -4.81 11.50 20.82
C ARG A 43 -4.63 12.73 19.96
N LEU A 44 -3.40 13.20 19.84
CA LEU A 44 -3.09 14.37 19.05
C LEU A 44 -3.68 14.21 17.65
N ALA A 45 -2.96 13.54 16.76
CA ALA A 45 -3.51 13.29 15.43
C ALA A 45 -4.48 12.18 15.79
N PRO A 46 -5.77 12.51 15.95
CA PRO A 46 -6.88 11.64 16.32
C PRO A 46 -6.81 10.21 15.83
N GLY A 47 -6.40 9.32 16.74
CA GLY A 47 -6.28 7.91 16.41
C GLY A 47 -6.68 7.05 17.59
N VAL A 48 -6.83 5.76 17.35
CA VAL A 48 -7.23 4.83 18.41
C VAL A 48 -6.15 3.84 18.80
N GLY A 49 -5.02 3.87 18.10
CA GLY A 49 -3.94 2.97 18.42
C GLY A 49 -2.60 3.61 18.12
N LEU A 50 -1.55 3.11 18.73
CA LEU A 50 -0.23 3.66 18.49
C LEU A 50 0.79 2.77 19.18
N ALA A 51 1.73 2.26 18.41
CA ALA A 51 2.77 1.39 18.96
C ALA A 51 4.08 2.16 19.10
N ALA A 52 4.84 1.82 20.14
CA ALA A 52 6.11 2.50 20.38
C ALA A 52 6.89 2.81 19.11
N PRO A 53 7.12 1.81 18.25
CA PRO A 53 7.87 2.03 17.02
C PRO A 53 7.34 3.18 16.18
N GLN A 54 6.04 3.44 16.28
CA GLN A 54 5.44 4.52 15.50
C GLN A 54 5.97 5.90 15.90
N ILE A 55 6.89 5.92 16.87
CA ILE A 55 7.50 7.17 17.30
C ILE A 55 8.96 6.95 17.56
N GLY A 56 9.57 6.07 16.77
CA GLY A 56 10.98 5.80 16.90
C GLY A 56 11.42 4.99 18.10
N VAL A 57 10.48 4.43 18.87
CA VAL A 57 10.88 3.64 20.03
C VAL A 57 10.84 2.13 19.75
N PRO A 58 12.01 1.50 19.61
CA PRO A 58 12.08 0.05 19.35
C PRO A 58 11.68 -0.85 20.53
N LEU A 59 10.55 -0.52 21.16
CA LEU A 59 10.06 -1.28 22.32
C LEU A 59 8.68 -1.90 22.07
N ARG A 60 8.35 -2.92 22.85
CA ARG A 60 7.06 -3.59 22.74
C ARG A 60 6.05 -2.91 23.65
N ILE A 61 5.60 -1.72 23.25
CA ILE A 61 4.63 -0.98 24.03
C ILE A 61 3.53 -0.45 23.11
N ILE A 62 2.28 -0.65 23.52
CA ILE A 62 1.15 -0.18 22.72
C ILE A 62 0.14 0.51 23.60
N VAL A 63 -0.53 1.50 23.03
CA VAL A 63 -1.54 2.24 23.74
C VAL A 63 -2.77 2.26 22.95
N LEU A 64 -3.87 2.13 23.43
CA LEU A 64 -5.14 2.13 22.78
C LEU A 64 -6.35 2.67 23.46
N GLU A 65 -7.28 3.11 22.85
CA GLU A 65 -8.54 3.66 23.34
C GLU A 65 -9.61 4.10 22.36
N ASP A 66 -10.85 3.70 22.63
CA ASP A 66 -11.96 4.10 21.77
C ASP A 66 -12.94 4.87 22.66
N THR A 67 -13.00 6.18 22.49
CA THR A 67 -13.89 7.03 23.29
C THR A 67 -15.21 7.08 22.60
N LYS A 68 -16.28 7.17 23.40
CA LYS A 68 -17.61 7.25 22.85
C LYS A 68 -17.73 8.50 21.99
N GLU A 69 -16.73 9.37 22.04
CA GLU A 69 -16.78 10.60 21.23
C GLU A 69 -16.18 10.32 19.87
N TYR A 70 -15.20 9.42 19.84
CA TYR A 70 -14.55 9.01 18.60
C TYR A 70 -15.64 8.24 17.82
N ILE A 71 -16.27 7.31 18.52
CA ILE A 71 -17.34 6.50 17.93
C ILE A 71 -18.54 7.37 17.66
N SER A 72 -18.77 8.34 18.55
CA SER A 72 -19.91 9.25 18.44
C SER A 72 -20.20 9.53 16.98
N TYR A 73 -19.23 10.13 16.32
CA TYR A 73 -19.32 10.49 14.91
C TYR A 73 -19.08 9.34 13.94
N ALA A 74 -20.13 8.60 13.57
CA ALA A 74 -19.99 7.49 12.61
C ALA A 74 -21.29 6.71 12.35
N PRO A 75 -21.48 6.22 11.12
CA PRO A 75 -22.68 5.46 10.72
C PRO A 75 -23.10 4.44 11.76
N LYS A 76 -24.31 4.62 12.28
CA LYS A 76 -24.85 3.72 13.29
C LYS A 76 -24.79 2.29 12.81
N GLU A 77 -25.14 2.09 11.54
CA GLU A 77 -25.13 0.75 10.95
C GLU A 77 -23.70 0.27 10.81
N GLU A 78 -22.80 1.22 10.59
CA GLU A 78 -21.38 0.92 10.45
C GLU A 78 -20.89 0.45 11.81
N ILE A 79 -20.84 1.38 12.76
CA ILE A 79 -20.40 1.08 14.12
C ILE A 79 -20.96 -0.28 14.56
N LEU A 80 -22.17 -0.57 14.10
CA LEU A 80 -22.81 -1.82 14.45
C LEU A 80 -22.09 -3.02 13.85
N ALA A 81 -22.05 -3.07 12.52
CA ALA A 81 -21.41 -4.18 11.81
C ALA A 81 -19.99 -4.48 12.28
N GLN A 82 -19.23 -3.42 12.53
CA GLN A 82 -17.85 -3.58 12.99
C GLN A 82 -17.81 -4.07 14.41
N GLU A 83 -18.91 -3.87 15.14
CA GLU A 83 -18.99 -4.28 16.54
C GLU A 83 -18.02 -3.42 17.33
N ARG A 84 -18.03 -2.12 17.05
CA ARG A 84 -17.14 -1.21 17.73
C ARG A 84 -17.77 -0.58 18.97
N ARG A 85 -17.07 -0.69 20.10
CA ARG A 85 -17.54 -0.14 21.35
C ARG A 85 -16.40 0.59 22.03
N HIS A 86 -16.73 1.65 22.76
CA HIS A 86 -15.71 2.43 23.45
C HIS A 86 -15.09 1.58 24.54
N PHE A 87 -13.83 1.90 24.85
CA PHE A 87 -13.12 1.21 25.92
C PHE A 87 -12.06 2.18 26.45
N ASP A 88 -12.01 2.28 27.77
CA ASP A 88 -11.09 3.17 28.45
C ASP A 88 -9.67 2.99 27.94
N LEU A 89 -8.91 4.09 27.95
CA LEU A 89 -7.52 4.06 27.50
C LEU A 89 -6.90 2.80 28.03
N MET A 90 -5.95 2.26 27.28
CA MET A 90 -5.32 1.04 27.68
C MET A 90 -3.85 1.08 27.29
N VAL A 91 -3.00 0.53 28.14
CA VAL A 91 -1.57 0.49 27.86
C VAL A 91 -1.06 -0.91 28.13
N MET A 92 -0.25 -1.44 27.20
CA MET A 92 0.31 -2.77 27.35
C MET A 92 1.76 -2.85 26.91
N VAL A 93 2.62 -3.32 27.82
CA VAL A 93 4.02 -3.48 27.48
C VAL A 93 4.26 -4.98 27.32
N ASN A 94 5.03 -5.35 26.30
CA ASN A 94 5.32 -6.74 25.99
C ASN A 94 4.04 -7.53 25.82
N PRO A 95 3.04 -6.96 25.13
CA PRO A 95 1.80 -7.71 24.97
C PRO A 95 2.04 -8.97 24.16
N VAL A 96 1.25 -10.00 24.42
CA VAL A 96 1.35 -11.25 23.68
C VAL A 96 -0.08 -11.60 23.33
N LEU A 97 -0.39 -11.45 22.05
CA LEU A 97 -1.72 -11.68 21.56
C LEU A 97 -1.92 -13.04 20.89
N LYS A 98 -3.15 -13.55 21.01
CA LYS A 98 -3.54 -14.81 20.38
C LYS A 98 -5.06 -14.93 20.32
N GLU A 99 -5.55 -15.33 19.15
CA GLU A 99 -6.97 -15.46 18.86
C GLU A 99 -7.69 -16.40 19.78
N ARG A 100 -8.89 -16.00 20.20
CA ARG A 100 -9.67 -16.87 21.09
C ARG A 100 -10.47 -17.82 20.25
N SER A 101 -10.55 -17.54 18.95
CA SER A 101 -11.28 -18.40 18.05
C SER A 101 -11.05 -17.96 16.64
N ASN A 102 -11.20 -18.92 15.72
CA ASN A 102 -10.99 -18.54 14.36
C ASN A 102 -11.98 -17.72 13.59
N LYS A 103 -12.99 -17.20 14.28
CA LYS A 103 -13.95 -16.32 13.63
C LYS A 103 -13.19 -15.04 13.24
N LYS A 104 -13.44 -14.55 12.02
CA LYS A 104 -12.79 -13.35 11.49
C LYS A 104 -13.78 -12.34 10.93
N ALA A 105 -13.28 -11.15 10.61
CA ALA A 105 -14.10 -10.09 10.05
C ALA A 105 -13.27 -9.28 9.06
N LEU A 106 -13.95 -8.60 8.14
CA LEU A 106 -13.26 -7.82 7.11
C LEU A 106 -13.71 -6.38 7.03
N PHE A 107 -12.78 -5.47 7.29
CA PHE A 107 -13.08 -4.05 7.23
C PHE A 107 -11.82 -3.32 6.85
N PHE A 108 -11.98 -2.02 6.61
CA PHE A 108 -10.84 -1.20 6.24
C PHE A 108 -10.10 -0.74 7.47
N GLU A 109 -8.80 -0.56 7.30
CA GLU A 109 -7.95 -0.08 8.37
C GLU A 109 -7.08 0.99 7.81
N GLY A 110 -6.44 1.72 8.68
CA GLY A 110 -5.54 2.77 8.28
C GLY A 110 -4.46 2.76 9.32
N CYS A 111 -3.41 3.51 9.10
CA CYS A 111 -2.33 3.57 10.05
C CYS A 111 -1.79 4.97 9.93
N LEU A 112 -1.36 5.55 11.05
CA LEU A 112 -0.86 6.90 10.97
C LEU A 112 0.48 6.99 10.29
N SER A 113 1.07 5.83 10.01
CA SER A 113 2.36 5.80 9.32
C SER A 113 2.13 5.69 7.82
N VAL A 114 0.87 5.61 7.43
CA VAL A 114 0.47 5.48 6.04
C VAL A 114 -0.86 6.20 5.91
N ASP A 115 -0.82 7.52 5.82
CA ASP A 115 -2.08 8.25 5.74
C ASP A 115 -2.47 8.58 4.31
N GLY A 116 -3.77 8.75 4.11
CA GLY A 116 -4.29 9.05 2.79
C GLY A 116 -4.77 7.75 2.22
N PHE A 117 -4.45 6.67 2.91
CA PHE A 117 -4.85 5.35 2.43
C PHE A 117 -5.52 4.43 3.41
N ARG A 118 -6.36 3.58 2.85
CA ARG A 118 -7.13 2.62 3.59
C ARG A 118 -7.15 1.33 2.79
N ALA A 119 -7.33 0.22 3.49
CA ALA A 119 -7.40 -1.06 2.83
C ALA A 119 -8.17 -2.03 3.69
N ALA A 120 -8.90 -2.92 3.02
CA ALA A 120 -9.68 -3.92 3.70
C ALA A 120 -8.77 -5.07 4.11
N VAL A 121 -8.60 -5.27 5.40
CA VAL A 121 -7.78 -6.37 5.90
C VAL A 121 -8.64 -7.24 6.81
N GLU A 122 -8.29 -8.51 6.88
CA GLU A 122 -9.01 -9.48 7.70
C GLU A 122 -8.40 -9.62 9.07
N ARG A 123 -9.23 -9.66 10.11
CA ARG A 123 -8.74 -9.79 11.49
C ARG A 123 -9.53 -10.84 12.25
N TYR A 124 -9.01 -11.28 13.39
CA TYR A 124 -9.73 -12.23 14.22
C TYR A 124 -10.76 -11.45 15.02
N LEU A 125 -11.97 -11.98 15.15
CA LEU A 125 -13.01 -11.28 15.90
C LEU A 125 -12.77 -11.26 17.40
N GLU A 126 -12.34 -12.39 17.95
CA GLU A 126 -12.08 -12.45 19.38
C GLU A 126 -10.62 -12.83 19.66
N VAL A 127 -10.01 -12.11 20.59
CA VAL A 127 -8.62 -12.33 20.92
C VAL A 127 -8.33 -12.11 22.41
N VAL A 128 -7.14 -12.54 22.85
CA VAL A 128 -6.72 -12.38 24.24
C VAL A 128 -5.24 -11.94 24.29
N VAL A 129 -4.96 -10.84 24.98
CA VAL A 129 -3.59 -10.34 25.07
C VAL A 129 -3.07 -10.32 26.50
N THR A 130 -1.94 -10.96 26.71
CA THR A 130 -1.33 -11.01 28.02
C THR A 130 -0.20 -9.98 27.99
N GLY A 131 0.34 -9.65 29.15
CA GLY A 131 1.42 -8.68 29.18
C GLY A 131 1.27 -7.81 30.39
N TYR A 132 2.08 -6.75 30.48
CA TYR A 132 2.04 -5.84 31.63
C TYR A 132 1.30 -4.54 31.32
N ASP A 133 0.77 -3.91 32.35
CA ASP A 133 0.06 -2.65 32.18
C ASP A 133 0.98 -1.52 32.58
N ARG A 134 0.51 -0.29 32.35
CA ARG A 134 1.27 0.90 32.66
C ARG A 134 2.18 0.79 33.90
N GLN A 135 1.68 0.16 34.96
CA GLN A 135 2.43 0.04 36.21
C GLN A 135 3.34 -1.16 36.37
N GLY A 136 3.70 -1.81 35.27
CA GLY A 136 4.55 -2.98 35.41
C GLY A 136 3.74 -4.07 36.08
N LYS A 137 2.43 -3.83 36.22
CA LYS A 137 1.52 -4.89 36.84
C LYS A 137 1.12 -6.16 35.69
N ARG A 138 1.02 -6.99 35.90
CA ARG A 138 0.64 -8.14 34.78
C ARG A 138 -0.75 -8.49 34.66
N ILE A 139 -1.24 -8.09 33.44
CA ILE A 139 -2.56 -8.19 33.01
C ILE A 139 -2.86 -9.24 31.88
N GLU A 140 -4.04 -9.64 31.75
CA GLU A 140 -4.59 -10.56 30.67
C GLU A 140 -5.87 -9.84 30.09
N VAL A 141 -5.73 -9.18 28.91
CA VAL A 141 -6.95 -8.54 28.43
C VAL A 141 -7.61 -9.40 27.35
N ASN A 142 -8.92 -9.62 27.50
CA ASN A 142 -9.68 -10.39 26.52
C ASN A 142 -10.58 -9.41 25.79
N ALA A 143 -10.59 -9.48 24.47
CA ALA A 143 -11.40 -8.57 23.70
C ALA A 143 -11.97 -9.22 22.46
N SER A 144 -12.82 -8.47 21.78
CA SER A 144 -13.47 -8.90 20.56
C SER A 144 -13.93 -7.64 19.85
N GLY A 145 -14.33 -7.78 18.58
CA GLY A 145 -14.80 -6.64 17.84
C GLY A 145 -13.70 -5.66 17.51
N TRP A 146 -14.10 -4.45 17.14
CA TRP A 146 -13.15 -3.42 16.78
C TRP A 146 -11.96 -3.27 17.72
N GLN A 147 -12.14 -3.67 18.98
CA GLN A 147 -11.06 -3.55 19.94
C GLN A 147 -10.03 -4.63 19.69
N ALA A 148 -10.50 -5.80 19.26
CA ALA A 148 -9.61 -6.92 18.97
C ALA A 148 -8.77 -6.56 17.76
N ARG A 149 -9.38 -5.86 16.81
CA ARG A 149 -8.68 -5.44 15.60
C ARG A 149 -7.56 -4.48 15.96
N ILE A 150 -7.87 -3.47 16.76
CA ILE A 150 -6.85 -2.50 17.15
C ILE A 150 -5.68 -3.19 17.83
N LEU A 151 -5.97 -4.19 18.65
CA LEU A 151 -4.91 -4.91 19.35
C LEU A 151 -4.01 -5.60 18.34
N GLN A 152 -4.63 -6.26 17.37
CA GLN A 152 -3.87 -6.96 16.35
C GLN A 152 -3.07 -5.97 15.55
N HIS A 153 -3.74 -4.95 15.05
CA HIS A 153 -3.08 -3.92 14.28
C HIS A 153 -1.86 -3.45 15.06
N GLU A 154 -2.12 -2.87 16.22
CA GLU A 154 -1.07 -2.34 17.06
C GLU A 154 0.03 -3.31 17.45
N CYS A 155 -0.31 -4.56 17.66
CA CYS A 155 0.72 -5.52 18.02
C CYS A 155 1.62 -5.81 16.83
N ASP A 156 1.03 -5.90 15.65
CA ASP A 156 1.80 -6.16 14.43
C ASP A 156 2.92 -5.13 14.30
N HIS A 157 2.58 -3.87 14.52
CA HIS A 157 3.56 -2.80 14.45
C HIS A 157 4.79 -3.22 15.21
N LEU A 158 4.58 -3.91 16.33
CA LEU A 158 5.67 -4.35 17.17
C LEU A 158 6.52 -5.46 16.56
N ASP A 159 6.08 -6.02 15.45
CA ASP A 159 6.85 -7.07 14.80
C ASP A 159 7.34 -6.65 13.41
N GLY A 160 7.11 -5.40 13.05
CA GLY A 160 7.56 -4.90 11.76
C GLY A 160 6.55 -5.11 10.66
N ASN A 161 5.35 -5.54 11.03
CA ASN A 161 4.31 -5.78 10.07
C ASN A 161 3.30 -4.65 9.98
N LEU A 162 3.00 -4.22 8.76
CA LEU A 162 2.04 -3.15 8.52
C LEU A 162 0.87 -3.74 7.76
N TYR A 163 -0.32 -3.17 7.90
CA TYR A 163 -1.49 -3.76 7.24
C TYR A 163 -1.34 -4.00 5.74
N VAL A 164 -0.65 -3.09 5.04
CA VAL A 164 -0.47 -3.22 3.61
C VAL A 164 0.01 -4.60 3.14
N ASP A 165 0.75 -5.30 3.97
CA ASP A 165 1.23 -6.62 3.60
C ASP A 165 0.27 -7.68 4.17
N LYS A 166 -0.97 -7.28 4.42
CA LYS A 166 -1.99 -8.16 4.96
C LYS A 166 -3.35 -7.87 4.35
N MET A 167 -3.43 -6.81 3.55
CA MET A 167 -4.68 -6.40 2.93
C MET A 167 -4.98 -7.50 1.78
N VAL A 168 -6.54 -7.21 1.42
CA VAL A 168 -7.01 -8.19 0.40
C VAL A 168 -6.64 -7.41 -0.77
N PRO A 169 -6.25 -8.36 -1.81
CA PRO A 169 -6.10 -7.74 -3.03
C PRO A 169 -7.02 -6.68 -3.58
N ARG A 170 -6.44 -5.57 -4.04
CA ARG A 170 -7.19 -4.49 -4.65
C ARG A 170 -8.39 -3.90 -3.94
N THR A 171 -8.20 -3.59 -2.67
CA THR A 171 -9.20 -2.95 -1.83
C THR A 171 -8.48 -1.69 -1.35
N PHE A 172 -7.16 -1.73 -1.42
CA PHE A 172 -6.31 -0.62 -1.04
C PHE A 172 -6.90 0.61 -1.71
N ARG A 173 -6.89 1.75 -1.03
CA ARG A 173 -7.48 2.93 -1.63
C ARG A 173 -7.19 4.23 -0.92
N THR A 174 -7.59 5.31 -1.57
CA THR A 174 -7.43 6.64 -1.04
C THR A 174 -8.49 6.88 0.00
N VAL A 175 -8.10 7.50 1.10
CA VAL A 175 -9.03 7.82 2.16
C VAL A 175 -10.33 8.30 1.54
N ASP A 176 -10.19 9.21 0.58
CA ASP A 176 -11.33 9.80 -0.10
C ASP A 176 -12.22 8.78 -0.82
N ASN A 177 -11.62 7.87 -1.57
CA ASN A 177 -12.41 6.89 -2.30
C ASN A 177 -12.86 5.71 -1.43
N LEU A 178 -12.65 5.82 -0.13
CA LEU A 178 -13.01 4.76 0.79
C LEU A 178 -14.40 4.18 0.61
N ASP A 179 -15.39 5.03 0.42
CA ASP A 179 -16.76 4.54 0.28
C ASP A 179 -17.11 4.00 -1.08
N LEU A 180 -16.16 4.06 -2.01
CA LEU A 180 -16.39 3.54 -3.34
C LEU A 180 -16.58 2.02 -3.30
N PRO A 181 -17.38 1.49 -4.24
CA PRO A 181 -17.66 0.06 -4.33
C PRO A 181 -16.44 -0.84 -4.47
N LEU A 182 -16.52 -2.01 -3.88
CA LEU A 182 -15.43 -2.96 -3.99
C LEU A 182 -15.41 -3.44 -5.42
N ALA A 183 -14.23 -3.82 -5.92
CA ALA A 183 -14.15 -4.33 -7.27
C ALA A 183 -14.74 -5.73 -7.20
N GLU A 184 -15.25 -6.24 -8.32
CA GLU A 184 -15.82 -7.57 -8.32
C GLU A 184 -14.69 -8.55 -8.02
N GLY A 185 -15.00 -9.63 -7.30
CA GLY A 185 -13.99 -10.62 -6.96
C GLY A 185 -13.41 -10.37 -5.58
N CYS A 186 -13.83 -9.28 -4.95
CA CYS A 186 -13.38 -8.92 -3.62
C CYS A 186 -14.32 -9.48 -2.59
N PRO A 187 -13.77 -10.11 -1.54
CA PRO A 187 -14.67 -10.65 -0.53
C PRO A 187 -15.55 -9.52 -0.07
N LYS A 188 -16.73 -9.81 0.42
CA LYS A 188 -17.58 -8.73 0.88
C LYS A 188 -17.24 -8.47 2.36
N LEU A 189 -17.47 -7.25 2.84
CA LEU A 189 -17.17 -6.88 4.22
C LEU A 189 -18.11 -7.51 5.22
N GLY A 190 -17.67 -7.58 6.46
CA GLY A 190 -18.51 -8.16 7.48
C GLY A 190 -17.93 -9.38 8.13
N SER A 191 -18.68 -9.88 9.08
CA SER A 191 -18.34 -11.04 9.89
C SER A 191 -18.76 -12.40 9.35
N HIS A 192 -19.04 -13.27 10.31
CA HIS A 192 -19.56 -14.62 10.17
C HIS A 192 -20.68 -14.49 11.21
N ASP B 2 -10.14 20.62 -22.21
CA ASP B 2 -9.95 20.40 -20.74
C ASP B 2 -9.55 18.89 -20.71
N LEU B 3 -9.06 18.52 -19.42
CA LEU B 3 -8.55 17.14 -19.47
C LEU B 3 -8.96 16.26 -18.37
N PRO B 4 -8.90 14.93 -18.59
CA PRO B 4 -9.28 13.96 -17.55
C PRO B 4 -8.19 13.82 -16.53
N GLU B 5 -8.60 13.56 -15.30
CA GLU B 5 -7.68 13.37 -14.20
C GLU B 5 -7.36 11.91 -14.01
N ILE B 6 -6.30 11.67 -13.26
CA ILE B 6 -5.84 10.33 -12.96
C ILE B 6 -6.66 9.83 -11.78
N VAL B 7 -7.25 8.65 -11.89
CA VAL B 7 -8.03 8.09 -10.79
C VAL B 7 -7.11 7.39 -9.81
N ALA B 8 -7.46 7.42 -8.53
CA ALA B 8 -6.66 6.79 -7.49
C ALA B 8 -7.30 5.53 -7.00
N SER B 9 -6.52 4.71 -6.31
CA SER B 9 -7.01 3.45 -5.80
C SER B 9 -8.38 3.61 -5.19
N GLY B 10 -9.15 2.54 -5.20
CA GLY B 10 -10.49 2.59 -4.65
C GLY B 10 -11.46 2.64 -5.80
N ASP B 11 -11.14 3.46 -6.78
CA ASP B 11 -12.00 3.58 -7.94
C ASP B 11 -12.03 2.27 -8.69
N PRO B 12 -13.17 1.59 -8.69
CA PRO B 12 -13.38 0.30 -9.36
C PRO B 12 -12.69 0.11 -10.71
N VAL B 13 -12.66 1.17 -11.51
CA VAL B 13 -12.06 1.08 -12.82
C VAL B 13 -10.64 0.55 -12.75
N LEU B 14 -9.90 0.97 -11.73
CA LEU B 14 -8.53 0.56 -11.55
C LEU B 14 -8.36 -0.89 -11.15
N HIS B 15 -9.34 -1.47 -10.47
CA HIS B 15 -9.23 -2.85 -10.02
C HIS B 15 -10.18 -3.82 -10.71
N GLU B 16 -10.36 -3.66 -12.01
CA GLU B 16 -11.23 -4.55 -12.76
C GLU B 16 -10.62 -4.69 -14.16
N LYS B 17 -10.76 -5.87 -14.75
CA LYS B 17 -10.21 -6.12 -16.08
C LYS B 17 -10.83 -5.21 -17.14
N ALA B 18 -9.95 -4.53 -17.90
CA ALA B 18 -10.40 -3.63 -18.95
C ALA B 18 -10.69 -4.44 -20.20
N ARG B 19 -11.64 -3.96 -21.01
CA ARG B 19 -12.01 -4.67 -22.23
C ARG B 19 -11.10 -4.42 -23.40
N GLU B 20 -11.00 -5.42 -24.26
CA GLU B 20 -10.19 -5.31 -25.44
C GLU B 20 -10.83 -4.32 -26.38
N VAL B 21 -10.03 -3.41 -26.90
CA VAL B 21 -10.54 -2.42 -27.83
C VAL B 21 -10.62 -3.11 -29.17
N ASP B 22 -11.75 -2.99 -29.85
CA ASP B 22 -11.92 -3.64 -31.14
C ASP B 22 -10.97 -3.18 -32.22
N PRO B 23 -10.11 -4.06 -32.74
CA PRO B 23 -9.18 -3.65 -33.79
C PRO B 23 -10.01 -3.10 -34.92
N GLY B 24 -9.65 -1.93 -35.42
CA GLY B 24 -10.44 -1.36 -36.48
C GLY B 24 -11.06 -0.11 -35.93
N GLU B 25 -11.44 -0.17 -34.66
CA GLU B 25 -11.98 0.98 -33.99
C GLU B 25 -10.74 1.68 -33.48
N ILE B 26 -9.62 0.95 -33.54
CA ILE B 26 -8.35 1.48 -33.09
C ILE B 26 -8.12 2.78 -33.84
N GLY B 27 -8.44 2.76 -35.13
CA GLY B 27 -8.27 3.94 -35.95
C GLY B 27 -9.36 4.97 -35.65
N SER B 28 -10.47 4.53 -35.02
CA SER B 28 -11.58 5.41 -34.67
C SER B 28 -11.08 6.71 -34.02
N GLU B 29 -11.73 7.82 -34.35
CA GLU B 29 -11.36 9.12 -33.77
C GLU B 29 -11.56 9.01 -32.25
N ARG B 30 -12.73 8.52 -31.85
CA ARG B 30 -13.06 8.36 -30.43
C ARG B 30 -11.89 7.76 -29.67
N ILE B 31 -11.38 6.65 -30.18
CA ILE B 31 -10.26 5.98 -29.55
C ILE B 31 -8.97 6.73 -29.72
N GLN B 32 -8.75 7.29 -30.90
CA GLN B 32 -7.53 8.04 -31.14
C GLN B 32 -7.48 9.23 -30.19
N LYS B 33 -8.64 9.70 -29.77
CA LYS B 33 -8.68 10.82 -28.84
C LYS B 33 -8.08 10.31 -27.54
N ILE B 34 -8.76 9.31 -26.99
CA ILE B 34 -8.35 8.66 -25.76
C ILE B 34 -6.84 8.45 -25.73
N ILE B 35 -6.29 7.87 -26.79
CA ILE B 35 -4.86 7.65 -26.86
C ILE B 35 -4.08 8.94 -26.70
N ASP B 36 -4.60 10.02 -27.27
CA ASP B 36 -3.94 11.30 -27.15
C ASP B 36 -4.01 11.78 -25.70
N ASP B 37 -5.21 11.77 -25.13
CA ASP B 37 -5.39 12.17 -23.75
C ASP B 37 -4.34 11.46 -22.92
N MET B 38 -4.34 10.14 -22.97
CA MET B 38 -3.37 9.36 -22.21
C MET B 38 -1.96 9.89 -22.37
N ILE B 39 -1.50 9.97 -23.61
CA ILE B 39 -0.15 10.48 -23.88
C ILE B 39 0.09 11.81 -23.20
N LYS B 40 -0.89 12.70 -23.31
CA LYS B 40 -0.79 14.01 -22.69
C LYS B 40 -0.58 13.84 -21.17
N VAL B 41 -1.65 13.42 -20.49
CA VAL B 41 -1.61 13.20 -19.05
C VAL B 41 -0.29 12.56 -18.61
N MET B 42 0.09 11.45 -19.25
CA MET B 42 1.33 10.75 -18.91
C MET B 42 2.50 11.71 -18.89
N ARG B 43 2.46 12.68 -19.76
CA ARG B 43 3.53 13.65 -19.82
C ARG B 43 3.25 14.79 -18.87
N LEU B 44 1.97 15.14 -18.73
CA LEU B 44 1.56 16.21 -17.82
C LEU B 44 2.19 15.98 -16.45
N ALA B 45 1.56 15.16 -15.60
CA ALA B 45 2.16 14.85 -14.29
C ALA B 45 3.24 13.87 -14.75
N PRO B 46 4.49 14.37 -14.90
CA PRO B 46 5.67 13.64 -15.33
C PRO B 46 5.73 12.16 -14.99
N GLY B 47 5.39 11.33 -15.97
CA GLY B 47 5.41 9.89 -15.78
C GLY B 47 5.88 9.19 -17.02
N VAL B 48 6.16 7.88 -16.90
CA VAL B 48 6.62 7.10 -18.03
C VAL B 48 5.63 6.04 -18.49
N GLY B 49 4.53 5.91 -17.78
CA GLY B 49 3.53 4.92 -18.16
C GLY B 49 2.14 5.40 -17.80
N LEU B 50 1.13 4.85 -18.44
CA LEU B 50 -0.23 5.25 -18.15
C LEU B 50 -1.17 4.32 -18.91
N ALA B 51 -2.05 3.65 -18.17
CA ALA B 51 -3.01 2.75 -18.77
C ALA B 51 -4.39 3.38 -18.83
N ALA B 52 -5.12 3.08 -19.90
CA ALA B 52 -6.46 3.65 -20.09
C ALA B 52 -7.26 3.77 -18.79
N PRO B 53 -7.36 2.67 -18.03
CA PRO B 53 -8.11 2.73 -16.78
C PRO B 53 -7.67 3.84 -15.85
N GLN B 54 -6.40 4.24 -15.94
CA GLN B 54 -5.90 5.30 -15.07
C GLN B 54 -6.57 6.64 -15.34
N ILE B 55 -7.51 6.67 -16.28
CA ILE B 55 -8.23 7.88 -16.60
C ILE B 55 -9.70 7.54 -16.87
N GLY B 56 -10.20 6.53 -16.16
CA GLY B 56 -11.58 6.14 -16.31
C GLY B 56 -11.96 5.37 -17.56
N VAL B 57 -10.99 4.99 -18.38
CA VAL B 57 -11.31 4.24 -19.60
C VAL B 57 -11.11 2.73 -19.46
N PRO B 58 -12.20 1.97 -19.37
CA PRO B 58 -12.14 0.50 -19.23
C PRO B 58 -11.67 -0.23 -20.48
N LEU B 59 -10.59 0.25 -21.09
CA LEU B 59 -10.05 -0.36 -22.31
C LEU B 59 -8.61 -0.84 -22.14
N ARG B 60 -8.20 -1.74 -23.02
CA ARG B 60 -6.86 -2.27 -22.96
C ARG B 60 -5.93 -1.44 -23.83
N ILE B 61 -5.58 -0.27 -23.33
CA ILE B 61 -4.68 0.64 -24.05
C ILE B 61 -3.64 1.18 -23.10
N ILE B 62 -2.38 1.16 -23.50
CA ILE B 62 -1.30 1.65 -22.67
C ILE B 62 -0.37 2.52 -23.49
N VAL B 63 0.22 3.52 -22.84
CA VAL B 63 1.16 4.41 -23.52
C VAL B 63 2.36 4.49 -22.61
N LEU B 64 3.55 4.55 -23.19
CA LEU B 64 4.74 4.64 -22.36
C LEU B 64 5.88 5.28 -23.14
N GLU B 65 6.86 5.80 -22.40
CA GLU B 65 8.00 6.46 -23.05
C GLU B 65 9.02 6.92 -22.01
N ASP B 66 10.29 6.64 -22.27
CA ASP B 66 11.35 7.07 -21.36
C ASP B 66 12.23 8.03 -22.16
N THR B 67 12.22 9.30 -21.77
CA THR B 67 13.03 10.28 -22.48
C THR B 67 14.39 10.44 -21.80
N LYS B 68 15.42 10.71 -22.60
CA LYS B 68 16.78 10.89 -22.09
C LYS B 68 16.80 12.07 -21.13
N GLU B 69 15.68 12.80 -21.08
CA GLU B 69 15.54 13.93 -20.20
C GLU B 69 14.91 13.47 -18.89
N TYR B 70 14.03 12.49 -18.97
CA TYR B 70 13.42 11.95 -17.75
C TYR B 70 14.58 11.25 -17.10
N ILE B 71 15.29 10.45 -17.89
CA ILE B 71 16.45 9.70 -17.41
C ILE B 71 17.54 10.68 -17.01
N SER B 72 17.53 11.83 -17.66
CA SER B 72 18.52 12.86 -17.41
C SER B 72 18.94 12.91 -15.95
N TYR B 73 18.10 13.46 -15.09
CA TYR B 73 18.38 13.61 -13.65
C TYR B 73 18.13 12.36 -12.83
N ALA B 74 19.16 11.57 -12.61
CA ALA B 74 19.05 10.34 -11.82
C ALA B 74 20.40 9.69 -11.68
N PRO B 75 20.70 9.15 -10.49
CA PRO B 75 21.98 8.48 -10.20
C PRO B 75 22.49 7.62 -11.35
N LYS B 76 23.67 7.96 -11.86
CA LYS B 76 24.28 7.21 -12.96
C LYS B 76 24.41 5.72 -12.61
N GLU B 77 24.75 5.44 -11.35
CA GLU B 77 24.91 4.07 -10.87
C GLU B 77 23.53 3.43 -10.75
N GLU B 78 22.52 4.27 -10.49
CA GLU B 78 21.13 3.84 -10.37
C GLU B 78 20.67 3.44 -11.77
N ILE B 79 20.53 4.45 -12.64
CA ILE B 79 20.13 4.26 -14.01
C ILE B 79 20.80 3.01 -14.56
N LEU B 80 22.06 2.84 -14.20
CA LEU B 80 22.83 1.69 -14.65
C LEU B 80 22.24 0.39 -14.14
N ALA B 81 22.23 0.21 -12.82
CA ALA B 81 21.71 -1.02 -12.22
C ALA B 81 20.32 -1.42 -12.70
N GLN B 82 19.44 -0.42 -12.85
CA GLN B 82 18.09 -0.69 -13.32
C GLN B 82 18.07 -1.07 -14.79
N GLU B 83 19.14 -0.70 -15.51
CA GLU B 83 19.26 -0.95 -16.94
C GLU B 83 18.20 -0.13 -17.66
N ARG B 84 18.08 1.13 -17.24
CA ARG B 84 17.09 2.01 -17.85
C ARG B 84 17.63 2.82 -19.02
N ARG B 85 16.92 2.74 -20.15
CA ARG B 85 17.32 3.45 -21.35
C ARG B 85 16.11 4.11 -21.96
N HIS B 86 16.32 5.24 -22.60
CA HIS B 86 15.23 5.96 -23.22
C HIS B 86 14.67 5.16 -24.39
N PHE B 87 13.40 5.38 -24.67
CA PHE B 87 12.75 4.71 -25.78
C PHE B 87 11.61 5.60 -26.23
N ASP B 88 11.53 5.82 -27.53
CA ASP B 88 10.50 6.66 -28.13
C ASP B 88 9.11 6.30 -27.63
N LEU B 89 8.24 7.31 -27.53
CA LEU B 89 6.87 7.10 -27.08
C LEU B 89 6.37 5.83 -27.72
N MET B 90 5.49 5.15 -27.03
CA MET B 90 4.98 3.90 -27.53
C MET B 90 3.52 3.76 -27.14
N VAL B 91 2.72 3.19 -28.03
CA VAL B 91 1.32 2.98 -27.76
C VAL B 91 0.96 1.56 -28.14
N MET B 92 0.22 0.88 -27.27
CA MET B 92 -0.21 -0.49 -27.52
C MET B 92 -1.66 -0.75 -27.08
N VAL B 93 -2.48 -1.22 -28.01
CA VAL B 93 -3.87 -1.54 -27.69
C VAL B 93 -3.94 -3.07 -27.66
N ASN B 94 -4.65 -3.59 -26.66
CA ASN B 94 -4.80 -5.03 -26.49
C ASN B 94 -3.43 -5.69 -26.41
N PRO B 95 -2.50 -5.09 -25.67
CA PRO B 95 -1.18 -5.72 -25.58
C PRO B 95 -1.28 -7.05 -24.89
N VAL B 96 -0.38 -7.97 -25.23
CA VAL B 96 -0.33 -9.30 -24.61
C VAL B 96 1.13 -9.53 -24.30
N LEU B 97 1.44 -9.44 -23.01
CA LEU B 97 2.80 -9.56 -22.51
C LEU B 97 3.12 -10.94 -21.93
N LYS B 98 4.36 -11.38 -22.14
CA LYS B 98 4.84 -12.67 -21.63
C LYS B 98 6.35 -12.60 -21.46
N GLU B 99 6.84 -13.08 -20.32
CA GLU B 99 8.28 -13.05 -20.05
C GLU B 99 9.03 -13.86 -21.07
N ARG B 100 10.22 -13.38 -21.45
CA ARG B 100 11.04 -14.12 -22.41
C ARG B 100 11.93 -15.07 -21.64
N SER B 101 11.98 -14.87 -20.34
CA SER B 101 12.77 -15.72 -19.48
C SER B 101 12.50 -15.36 -18.04
N ASN B 102 12.67 -16.38 -17.23
CA ASN B 102 12.57 -16.44 -15.78
C ASN B 102 13.35 -15.37 -15.01
N LYS B 103 14.37 -14.79 -15.64
CA LYS B 103 15.22 -13.81 -14.95
C LYS B 103 14.40 -12.64 -14.43
N LYS B 104 14.61 -12.26 -13.17
CA LYS B 104 13.88 -11.17 -12.54
C LYS B 104 14.79 -10.13 -11.90
N ALA B 105 14.19 -9.02 -11.48
CA ALA B 105 14.91 -7.93 -10.83
C ALA B 105 14.01 -7.29 -9.76
N LEU B 106 14.63 -6.62 -8.80
CA LEU B 106 13.88 -6.00 -7.71
C LEU B 106 14.22 -4.52 -7.51
N PHE B 107 13.21 -3.68 -7.69
CA PHE B 107 13.38 -2.24 -7.53
C PHE B 107 12.09 -1.64 -7.08
N PHE B 108 12.14 -0.36 -6.76
CA PHE B 108 10.94 0.31 -6.33
C PHE B 108 10.15 0.81 -7.51
N GLU B 109 8.84 0.86 -7.33
CA GLU B 109 7.94 1.34 -8.35
C GLU B 109 6.98 2.30 -7.69
N GLY B 110 6.26 3.03 -8.50
CA GLY B 110 5.29 3.97 -8.02
C GLY B 110 4.20 3.95 -9.07
N CYS B 111 3.09 4.59 -8.79
CA CYS B 111 2.02 4.64 -9.75
C CYS B 111 1.35 5.96 -9.51
N LEU B 112 0.91 6.60 -10.58
CA LEU B 112 0.30 7.88 -10.39
C LEU B 112 -1.04 7.78 -9.71
N SER B 113 -1.54 6.57 -9.53
CA SER B 113 -2.83 6.38 -8.88
C SER B 113 -2.60 6.15 -7.38
N VAL B 114 -1.33 6.15 -6.99
CA VAL B 114 -0.91 5.94 -5.62
C VAL B 114 0.35 6.75 -5.43
N ASP B 115 0.20 8.06 -5.24
CA ASP B 115 1.39 8.89 -5.09
C ASP B 115 1.75 9.15 -3.64
N GLY B 116 3.03 9.42 -3.42
CA GLY B 116 3.52 9.65 -2.09
C GLY B 116 4.11 8.35 -1.60
N PHE B 117 3.90 7.30 -2.38
CA PHE B 117 4.39 6.00 -1.98
C PHE B 117 5.14 5.23 -3.03
N ARG B 118 6.06 4.41 -2.54
CA ARG B 118 6.91 3.58 -3.37
C ARG B 118 7.04 2.22 -2.69
N ALA B 119 7.30 1.20 -3.48
CA ALA B 119 7.47 -0.13 -2.93
C ALA B 119 8.31 -0.96 -3.86
N ALA B 120 9.13 -1.82 -3.27
CA ALA B 120 10.01 -2.70 -4.03
C ALA B 120 9.20 -3.89 -4.53
N VAL B 121 9.07 -4.00 -5.85
CA VAL B 121 8.32 -5.12 -6.42
C VAL B 121 9.26 -5.84 -7.38
N GLU B 122 9.01 -7.13 -7.56
CA GLU B 122 9.82 -7.95 -8.45
C GLU B 122 9.19 -8.05 -9.84
N ARG B 123 10.02 -7.92 -10.86
CA ARG B 123 9.55 -7.97 -12.25
C ARG B 123 10.42 -8.90 -13.11
N TYR B 124 9.94 -9.26 -14.28
CA TYR B 124 10.74 -10.09 -15.18
C TYR B 124 11.70 -9.16 -15.90
N LEU B 125 12.95 -9.57 -16.07
CA LEU B 125 13.93 -8.73 -16.76
C LEU B 125 13.71 -8.61 -18.27
N GLU B 126 13.36 -9.71 -18.90
CA GLU B 126 13.08 -9.66 -20.33
C GLU B 126 11.67 -10.15 -20.65
N VAL B 127 11.01 -9.41 -21.52
CA VAL B 127 9.64 -9.73 -21.88
C VAL B 127 9.33 -9.42 -23.35
N VAL B 128 8.18 -9.89 -23.83
CA VAL B 128 7.73 -9.64 -25.20
C VAL B 128 6.23 -9.32 -25.21
N VAL B 129 5.85 -8.21 -25.85
CA VAL B 129 4.45 -7.83 -25.89
C VAL B 129 3.93 -7.72 -27.30
N THR B 130 2.86 -8.45 -27.59
CA THR B 130 2.26 -8.43 -28.91
C THR B 130 1.05 -7.51 -28.76
N GLY B 131 0.47 -7.11 -29.88
CA GLY B 131 -0.68 -6.24 -29.81
C GLY B 131 -0.63 -5.24 -30.94
N TYR B 132 -1.57 -4.31 -30.96
CA TYR B 132 -1.58 -3.33 -32.02
C TYR B 132 -0.99 -2.01 -31.57
N ASP B 133 -0.54 -1.22 -32.54
CA ASP B 133 0.02 0.09 -32.28
C ASP B 133 -1.02 1.16 -32.60
N ARG B 134 -0.68 2.39 -32.26
CA ARG B 134 -1.55 3.54 -32.47
C ARG B 134 -2.46 3.47 -33.69
N GLN B 135 -1.92 2.97 -34.80
CA GLN B 135 -2.64 2.90 -36.08
C GLN B 135 -3.46 1.62 -36.33
N GLY B 136 -3.64 0.78 -35.32
CA GLY B 136 -4.38 -0.45 -35.57
C GLY B 136 -3.46 -1.43 -36.29
N LYS B 137 -2.18 -1.09 -36.38
CA LYS B 137 -1.22 -1.93 -37.04
C LYS B 137 -0.73 -3.01 -36.05
N ARG B 138 -0.40 -4.25 -36.48
CA ARG B 138 0.03 -5.25 -35.49
C ARG B 138 1.51 -5.30 -35.25
N ILE B 139 1.84 -5.22 -33.97
CA ILE B 139 3.21 -5.20 -33.53
C ILE B 139 3.60 -6.25 -32.48
N GLU B 140 4.91 -6.42 -32.33
CA GLU B 140 5.49 -7.34 -31.36
C GLU B 140 6.73 -6.66 -30.79
N VAL B 141 6.63 -6.19 -29.57
CA VAL B 141 7.74 -5.49 -28.93
C VAL B 141 8.46 -6.37 -27.93
N ASN B 142 9.79 -6.42 -28.06
CA ASN B 142 10.63 -7.18 -27.16
C ASN B 142 11.42 -6.17 -26.37
N ALA B 143 11.45 -6.33 -25.05
CA ALA B 143 12.18 -5.41 -24.20
C ALA B 143 12.82 -6.10 -23.02
N SER B 144 13.57 -5.31 -22.27
CA SER B 144 14.27 -5.75 -21.10
C SER B 144 14.60 -4.51 -20.27
N GLY B 145 15.02 -4.72 -19.02
CA GLY B 145 15.35 -3.60 -18.17
C GLY B 145 14.15 -2.75 -17.79
N TRP B 146 14.42 -1.54 -17.33
CA TRP B 146 13.37 -0.65 -16.90
C TRP B 146 12.18 -0.56 -17.85
N GLN B 147 12.40 -0.85 -19.13
CA GLN B 147 11.31 -0.76 -20.09
C GLN B 147 10.39 -1.97 -19.94
N ALA B 148 10.99 -3.10 -19.57
CA ALA B 148 10.22 -4.32 -19.37
C ALA B 148 9.35 -4.15 -18.13
N ARG B 149 9.89 -3.45 -17.13
CA ARG B 149 9.16 -3.19 -15.91
C ARG B 149 7.94 -2.34 -16.20
N ILE B 150 8.14 -1.24 -16.91
CA ILE B 150 7.02 -0.37 -17.23
C ILE B 150 5.91 -1.12 -17.96
N LEU B 151 6.31 -2.00 -18.87
CA LEU B 151 5.34 -2.77 -19.62
C LEU B 151 4.53 -3.64 -18.66
N GLN B 152 5.21 -4.31 -17.75
CA GLN B 152 4.54 -5.17 -16.79
C GLN B 152 3.63 -4.32 -15.92
N HIS B 153 4.19 -3.28 -15.35
CA HIS B 153 3.42 -2.39 -14.51
C HIS B 153 2.17 -1.98 -15.26
N GLU B 154 2.36 -1.29 -16.37
CA GLU B 154 1.26 -0.80 -17.17
C GLU B 154 0.26 -1.84 -17.63
N CYS B 155 0.73 -3.05 -17.93
CA CYS B 155 -0.20 -4.08 -18.36
C CYS B 155 -1.06 -4.55 -17.20
N ASP B 156 -0.45 -4.67 -16.02
CA ASP B 156 -1.20 -5.11 -14.84
C ASP B 156 -2.41 -4.23 -14.64
N HIS B 157 -2.22 -2.92 -14.77
CA HIS B 157 -3.29 -1.97 -14.62
C HIS B 157 -4.48 -2.45 -15.42
N LEU B 158 -4.20 -3.03 -16.58
CA LEU B 158 -5.25 -3.51 -17.46
C LEU B 158 -5.98 -4.74 -16.93
N ASP B 159 -5.48 -5.33 -15.85
CA ASP B 159 -6.12 -6.50 -15.29
C ASP B 159 -6.66 -6.24 -13.91
N GLY B 160 -6.54 -5.00 -13.45
CA GLY B 160 -7.03 -4.62 -12.13
C GLY B 160 -6.00 -4.84 -11.03
N ASN B 161 -4.77 -5.09 -11.44
CA ASN B 161 -3.72 -5.31 -10.48
C ASN B 161 -2.82 -4.09 -10.31
N LEU B 162 -2.59 -3.72 -9.05
CA LEU B 162 -1.73 -2.58 -8.72
C LEU B 162 -0.50 -3.11 -8.01
N TYR B 163 0.63 -2.42 -8.11
CA TYR B 163 1.84 -2.91 -7.47
C TYR B 163 1.72 -3.28 -5.99
N VAL B 164 0.94 -2.52 -5.24
CA VAL B 164 0.79 -2.77 -3.82
C VAL B 164 0.48 -4.23 -3.46
N ASP B 165 -0.21 -4.94 -4.35
CA ASP B 165 -0.55 -6.32 -4.10
C ASP B 165 0.51 -7.23 -4.73
N LYS B 166 1.70 -6.68 -4.92
CA LYS B 166 2.81 -7.42 -5.53
C LYS B 166 4.13 -7.04 -4.89
N MET B 167 4.10 -6.04 -4.02
CA MET B 167 5.32 -5.56 -3.39
C MET B 167 5.89 -6.55 -2.39
N VAL B 168 7.20 -6.48 -2.23
CA VAL B 168 7.90 -7.32 -1.29
C VAL B 168 7.45 -6.83 0.06
N PRO B 169 7.24 -7.74 0.97
CA PRO B 169 6.81 -7.35 2.30
C PRO B 169 7.71 -6.37 3.02
N ARG B 170 7.12 -5.31 3.53
CA ARG B 170 7.84 -4.31 4.32
C ARG B 170 8.88 -3.49 3.56
N THR B 171 8.55 -3.05 2.37
CA THR B 171 9.48 -2.24 1.58
C THR B 171 8.66 -1.01 1.20
N PHE B 172 7.34 -1.17 1.33
CA PHE B 172 6.39 -0.10 1.04
C PHE B 172 6.88 1.11 1.81
N ARG B 173 6.76 2.29 1.23
CA ARG B 173 7.25 3.48 1.90
C ARG B 173 6.83 4.80 1.30
N THR B 174 7.15 5.85 2.04
CA THR B 174 6.85 7.20 1.63
C THR B 174 7.88 7.62 0.62
N VAL B 175 7.43 8.30 -0.42
CA VAL B 175 8.31 8.78 -1.46
C VAL B 175 9.57 9.33 -0.80
N ASP B 176 9.36 10.15 0.21
CA ASP B 176 10.43 10.77 0.95
C ASP B 176 11.41 9.79 1.59
N ASN B 177 10.90 8.75 2.26
CA ASN B 177 11.77 7.79 2.90
C ASN B 177 12.32 6.74 1.93
N LEU B 178 12.10 6.96 0.65
CA LEU B 178 12.55 6.01 -0.36
C LEU B 178 13.99 5.53 -0.24
N ASP B 179 14.90 6.45 0.03
CA ASP B 179 16.31 6.09 0.13
C ASP B 179 16.72 5.46 1.45
N LEU B 180 15.77 5.35 2.37
CA LEU B 180 16.07 4.75 3.66
C LEU B 180 16.40 3.28 3.49
N PRO B 181 17.25 2.73 4.36
CA PRO B 181 17.67 1.32 4.32
C PRO B 181 16.55 0.30 4.37
N LEU B 182 16.73 -0.81 3.69
CA LEU B 182 15.72 -1.86 3.71
C LEU B 182 15.74 -2.44 5.09
N ALA B 183 14.59 -2.92 5.54
CA ALA B 183 14.52 -3.52 6.86
C ALA B 183 15.20 -4.87 6.73
N GLU B 184 15.77 -5.39 7.81
CA GLU B 184 16.45 -6.68 7.74
C GLU B 184 15.46 -7.78 7.40
N GLY B 185 15.89 -8.71 6.58
CA GLY B 185 15.01 -9.79 6.20
C GLY B 185 14.39 -9.50 4.85
N CYS B 186 14.83 -8.41 4.22
CA CYS B 186 14.32 -8.03 2.91
C CYS B 186 15.31 -8.39 1.83
N PRO B 187 14.81 -8.87 0.68
CA PRO B 187 15.72 -9.22 -0.41
C PRO B 187 16.47 -7.93 -0.77
N LYS B 188 17.65 -8.04 -1.36
CA LYS B 188 18.38 -6.83 -1.73
C LYS B 188 17.96 -6.42 -3.13
N LEU B 189 17.84 -5.12 -3.37
CA LEU B 189 17.45 -4.63 -4.69
C LEU B 189 18.49 -5.06 -5.71
N GLY B 190 18.08 -5.13 -6.97
CA GLY B 190 19.01 -5.51 -8.02
C GLY B 190 18.69 -6.80 -8.78
N SER B 191 19.30 -6.92 -9.94
CA SER B 191 19.11 -8.10 -10.77
C SER B 191 20.04 -9.20 -10.29
N HIS B 192 19.57 -10.45 -10.35
CA HIS B 192 20.37 -11.60 -9.93
C HIS B 192 21.79 -11.64 -10.50
ZN ZN C . -0.71 1.56 12.56
ZN ZN D . 0.63 2.75 -12.43
#